data_7SBD
#
_entry.id   7SBD
#
_cell.length_a   57.962
_cell.length_b   77.468
_cell.length_c   144.550
_cell.angle_alpha   90.000
_cell.angle_beta   90.000
_cell.angle_gamma   90.000
#
_symmetry.space_group_name_H-M   'P 21 21 21'
#
loop_
_entity.id
_entity.type
_entity.pdbx_description
1 polymer 'Fab/IgE Heavy chain'
2 polymer 'Fab/IgE Light chain'
3 polymer Profilin-2
4 branched alpha-D-mannopyranose-(1-3)-beta-D-mannopyranose-(1-4)-2-acetamido-2-deoxy-beta-D-glucopyranose-(1-4)-[alpha-L-fucopyranose-(1-6)]2-acetamido-2-deoxy-beta-D-glucopyranose
#
loop_
_entity_poly.entity_id
_entity_poly.type
_entity_poly.pdbx_seq_one_letter_code
_entity_poly.pdbx_strand_id
1 'polypeptide(L)'
;EVQLVESGGGLVQPKGSLKLSCAASGFTFNTYAMNWVRQAPGKGLEWVARIRTKTNNYVTYYADSVKDRFTISRDDSQSM
LYLQMNNLKTEDTAMYYCVRHVGDYWGQGTSVTVSSASIRNPQLYPLKPCKGTASMTLGCLVKDYFPGPVTVTWYSDSLN
MSTVNFPALGSELKVTTSQVTSWGKSAKNFTCHVTHPPSFNESRTILVR
;
H
2 'polypeptide(L)'
;DIQMTQSPASLSASVGETVTITCRASGNIHNYLAWFQQKQGKSPQLLVYNAKTLADGVPSRFSGSGSGTQYSLKINSLQP
EDFGSYYCQHFWSTPYTFGGGTKLEIKRADAAPTVSIFPPSSEQLTSGGASVVCFLNNFYPKDINVKWKIDGSERQNGVL
NSWTDQDSKDSTYSMSSTLTLTKDEYERHNSYTCEATHKTSTSPIVKSFNRNEC
;
L
3 'polypeptide(L)'
;DDDKMSWQAYVDDHLMCEIEGNHLSAAAIIGQDGSVWAQSANFPQFKSEEITGIMSDFHEPGTLAPTGLYIGGTKYMVIQ
GEPGAVIRGKKGPGGVTVKKTNQALIIGIYDEPMTPGQCNMIVERLGDYLIDQGY
;
C
#
# COMPACT_ATOMS: atom_id res chain seq x y z
N GLU A 1 4.32 2.83 -17.31
CA GLU A 1 3.20 3.13 -18.19
C GLU A 1 1.91 3.26 -17.40
N VAL A 2 1.60 2.25 -16.60
CA VAL A 2 0.42 2.30 -15.74
C VAL A 2 0.69 3.27 -14.61
N GLN A 3 -0.18 4.28 -14.47
CA GLN A 3 -0.03 5.29 -13.43
C GLN A 3 -1.39 5.70 -12.91
N LEU A 4 -1.55 5.65 -11.58
CA LEU A 4 -2.77 6.08 -10.92
C LEU A 4 -2.43 7.26 -10.03
N VAL A 5 -3.12 8.39 -10.23
CA VAL A 5 -2.85 9.63 -9.52
C VAL A 5 -4.12 10.05 -8.81
N GLU A 6 -4.12 9.94 -7.48
CA GLU A 6 -5.25 10.39 -6.69
C GLU A 6 -5.19 11.90 -6.51
N SER A 7 -6.32 12.47 -6.09
CA SER A 7 -6.42 13.89 -5.79
C SER A 7 -7.74 14.13 -5.06
N GLY A 8 -7.85 15.31 -4.46
CA GLY A 8 -9.05 15.72 -3.76
C GLY A 8 -8.97 15.66 -2.26
N GLY A 9 -7.98 14.97 -1.71
CA GLY A 9 -7.87 14.87 -0.26
C GLY A 9 -7.62 16.22 0.39
N GLY A 10 -7.89 16.27 1.69
CA GLY A 10 -7.68 17.49 2.43
C GLY A 10 -8.32 17.42 3.80
N LEU A 11 -8.42 18.58 4.43
CA LEU A 11 -8.95 18.72 5.77
C LEU A 11 -10.44 19.06 5.72
N VAL A 12 -11.24 18.33 6.47
CA VAL A 12 -12.69 18.52 6.51
C VAL A 12 -13.18 18.38 7.95
N GLN A 13 -14.08 19.26 8.35
CA GLN A 13 -14.68 19.15 9.68
C GLN A 13 -15.63 17.96 9.71
N PRO A 14 -15.86 17.39 10.90
CA PRO A 14 -16.73 16.21 11.00
C PRO A 14 -18.11 16.44 10.40
N LYS A 15 -18.73 15.34 9.98
CA LYS A 15 -20.00 15.32 9.25
C LYS A 15 -19.91 16.01 7.89
N GLY A 16 -18.70 16.26 7.40
CA GLY A 16 -18.53 16.88 6.11
C GLY A 16 -18.56 15.89 4.97
N SER A 17 -18.44 16.42 3.75
CA SER A 17 -18.45 15.62 2.54
C SER A 17 -17.23 15.96 1.69
N LEU A 18 -16.80 14.99 0.89
CA LEU A 18 -15.59 15.13 0.11
C LEU A 18 -15.60 14.11 -1.02
N LYS A 19 -15.09 14.52 -2.18
CA LYS A 19 -15.11 13.70 -3.39
C LYS A 19 -13.68 13.51 -3.89
N LEU A 20 -13.10 12.35 -3.58
CA LEU A 20 -11.78 12.00 -4.09
C LEU A 20 -11.87 11.48 -5.51
N SER A 21 -10.82 11.74 -6.29
CA SER A 21 -10.74 11.30 -7.67
C SER A 21 -9.46 10.50 -7.88
N CYS A 22 -9.46 9.68 -8.93
CA CYS A 22 -8.30 8.88 -9.30
C CYS A 22 -8.21 8.82 -10.81
N ALA A 23 -7.09 9.31 -11.36
CA ALA A 23 -6.88 9.36 -12.79
C ALA A 23 -5.95 8.23 -13.21
N ALA A 24 -6.43 7.37 -14.10
CA ALA A 24 -5.69 6.20 -14.55
C ALA A 24 -5.17 6.44 -15.97
N SER A 25 -3.91 6.09 -16.21
CA SER A 25 -3.30 6.23 -17.52
C SER A 25 -2.38 5.05 -17.78
N GLY A 26 -2.35 4.58 -19.03
CA GLY A 26 -1.46 3.52 -19.44
C GLY A 26 -2.12 2.17 -19.68
N PHE A 27 -3.43 2.07 -19.54
CA PHE A 27 -4.11 0.80 -19.75
C PHE A 27 -5.57 1.08 -20.10
N THR A 28 -6.22 0.07 -20.69
CA THR A 28 -7.64 0.17 -21.01
C THR A 28 -8.44 0.11 -19.71
N PHE A 29 -8.88 1.28 -19.24
CA PHE A 29 -9.51 1.39 -17.92
C PHE A 29 -10.85 0.67 -17.89
N ASN A 30 -11.54 0.56 -19.03
CA ASN A 30 -12.87 -0.04 -19.05
C ASN A 30 -12.85 -1.53 -18.72
N THR A 31 -11.72 -2.20 -18.89
CA THR A 31 -11.64 -3.66 -18.76
C THR A 31 -11.22 -4.10 -17.37
N TYR A 32 -11.12 -3.19 -16.41
CA TYR A 32 -10.62 -3.52 -15.07
C TYR A 32 -11.58 -3.02 -14.00
N ALA A 33 -11.63 -3.78 -12.91
CA ALA A 33 -12.32 -3.37 -11.70
C ALA A 33 -11.37 -2.57 -10.80
N MET A 34 -11.92 -1.58 -10.11
CA MET A 34 -11.12 -0.65 -9.32
C MET A 34 -11.49 -0.71 -7.85
N ASN A 35 -10.53 -0.36 -7.01
CA ASN A 35 -10.68 -0.39 -5.56
C ASN A 35 -10.33 0.96 -4.96
N TRP A 36 -10.87 1.21 -3.76
CA TRP A 36 -10.36 2.24 -2.87
C TRP A 36 -9.92 1.59 -1.58
N VAL A 37 -8.68 1.83 -1.19
CA VAL A 37 -8.10 1.25 0.03
C VAL A 37 -7.52 2.39 0.84
N ARG A 38 -7.74 2.36 2.16
CA ARG A 38 -7.27 3.41 3.05
C ARG A 38 -6.36 2.84 4.13
N GLN A 39 -5.51 3.70 4.67
CA GLN A 39 -4.59 3.36 5.75
C GLN A 39 -4.59 4.48 6.78
N ALA A 40 -4.94 4.14 8.03
CA ALA A 40 -4.91 5.10 9.11
C ALA A 40 -3.48 5.60 9.32
N PRO A 41 -3.32 6.78 9.96
CA PRO A 41 -1.97 7.36 10.10
C PRO A 41 -0.93 6.41 10.66
N GLY A 42 -1.24 5.69 11.73
CA GLY A 42 -0.29 4.77 12.32
C GLY A 42 -0.69 3.31 12.18
N LYS A 43 -1.94 3.07 11.78
CA LYS A 43 -2.49 1.72 11.74
C LYS A 43 -2.29 1.12 10.35
N GLY A 44 -2.93 -0.03 10.10
CA GLY A 44 -2.72 -0.78 8.89
C GLY A 44 -3.74 -0.50 7.81
N LEU A 45 -3.80 -1.41 6.85
CA LEU A 45 -4.59 -1.23 5.65
C LEU A 45 -6.02 -1.76 5.85
N GLU A 46 -6.96 -1.15 5.12
CA GLU A 46 -8.36 -1.54 5.19
C GLU A 46 -9.01 -1.30 3.83
N TRP A 47 -9.66 -2.33 3.30
CA TRP A 47 -10.34 -2.24 2.02
C TRP A 47 -11.74 -1.64 2.21
N VAL A 48 -12.10 -0.66 1.39
CA VAL A 48 -13.33 0.09 1.65
C VAL A 48 -14.34 -0.01 0.52
N ALA A 49 -13.88 -0.18 -0.74
CA ALA A 49 -14.84 -0.17 -1.84
C ALA A 49 -14.23 -0.79 -3.09
N ARG A 50 -15.13 -1.27 -3.95
CA ARG A 50 -14.79 -1.86 -5.25
C ARG A 50 -15.92 -1.61 -6.24
N ILE A 51 -15.56 -1.41 -7.50
CA ILE A 51 -16.52 -1.24 -8.58
C ILE A 51 -16.13 -2.17 -9.72
N ARG A 52 -17.12 -2.61 -10.48
CA ARG A 52 -16.94 -3.60 -11.54
C ARG A 52 -17.02 -2.94 -12.91
N THR A 53 -16.76 -3.73 -13.95
CA THR A 53 -16.72 -3.27 -15.32
C THR A 53 -18.14 -3.23 -15.92
N LYS A 54 -18.23 -2.71 -17.13
CA LYS A 54 -19.52 -2.64 -17.84
C LYS A 54 -20.13 -4.01 -18.08
N THR A 55 -19.32 -5.06 -18.11
CA THR A 55 -19.82 -6.40 -18.38
C THR A 55 -20.77 -6.87 -17.29
N ASN A 56 -20.58 -6.42 -16.05
CA ASN A 56 -21.42 -6.82 -14.93
C ASN A 56 -22.17 -5.64 -14.34
N ASN A 57 -22.58 -4.69 -15.19
CA ASN A 57 -23.49 -3.60 -14.82
C ASN A 57 -22.91 -2.68 -13.76
N TYR A 58 -21.58 -2.49 -13.76
CA TYR A 58 -20.91 -1.56 -12.87
C TYR A 58 -21.29 -1.78 -11.41
N VAL A 59 -21.30 -3.04 -11.00
CA VAL A 59 -21.71 -3.36 -9.63
C VAL A 59 -20.74 -2.75 -8.63
N THR A 60 -21.23 -2.47 -7.43
CA THR A 60 -20.46 -1.80 -6.40
C THR A 60 -20.56 -2.57 -5.09
N TYR A 61 -19.44 -2.66 -4.38
CA TYR A 61 -19.37 -3.34 -3.09
C TYR A 61 -18.62 -2.45 -2.11
N TYR A 62 -19.19 -2.27 -0.93
CA TYR A 62 -18.65 -1.39 0.09
C TYR A 62 -18.33 -2.18 1.35
N ALA A 63 -17.56 -1.56 2.24
CA ALA A 63 -17.32 -2.11 3.57
C ALA A 63 -18.39 -1.63 4.53
N ASP A 64 -18.72 -2.48 5.52
CA ASP A 64 -19.74 -2.10 6.50
C ASP A 64 -19.36 -0.83 7.25
N SER A 65 -18.05 -0.58 7.42
CA SER A 65 -17.62 0.63 8.09
C SER A 65 -18.10 1.89 7.37
N VAL A 66 -18.15 1.84 6.03
CA VAL A 66 -18.50 3.00 5.23
C VAL A 66 -19.73 2.68 4.38
N LYS A 67 -20.58 1.78 4.88
CA LYS A 67 -21.60 1.16 4.05
C LYS A 67 -22.58 2.17 3.49
N ASP A 68 -23.20 2.95 4.36
CA ASP A 68 -24.29 3.84 3.97
C ASP A 68 -23.85 5.28 3.75
N ARG A 69 -22.55 5.57 3.85
CA ARG A 69 -22.06 6.92 3.67
C ARG A 69 -21.29 7.14 2.38
N PHE A 70 -20.58 6.13 1.89
CA PHE A 70 -19.66 6.29 0.78
C PHE A 70 -20.26 5.78 -0.52
N THR A 71 -19.80 6.37 -1.63
CA THR A 71 -20.30 6.04 -2.95
C THR A 71 -19.12 5.99 -3.92
N ILE A 72 -18.96 4.85 -4.59
CA ILE A 72 -17.89 4.66 -5.58
C ILE A 72 -18.51 4.68 -6.96
N SER A 73 -17.85 5.38 -7.89
CA SER A 73 -18.33 5.51 -9.25
C SER A 73 -17.14 5.64 -10.19
N ARG A 74 -17.43 5.64 -11.49
CA ARG A 74 -16.39 5.68 -12.50
C ARG A 74 -16.94 6.28 -13.78
N ASP A 75 -16.06 6.93 -14.53
CA ASP A 75 -16.36 7.47 -15.87
C ASP A 75 -15.31 6.88 -16.80
N ASP A 76 -15.64 5.75 -17.43
CA ASP A 76 -14.69 5.08 -18.31
C ASP A 76 -14.39 5.89 -19.57
N SER A 77 -15.28 6.82 -19.95
CA SER A 77 -14.99 7.70 -21.07
C SER A 77 -13.82 8.64 -20.76
N GLN A 78 -13.57 8.92 -19.49
CA GLN A 78 -12.48 9.79 -19.08
C GLN A 78 -11.44 9.07 -18.25
N SER A 79 -11.57 7.75 -18.06
CA SER A 79 -10.63 6.95 -17.29
C SER A 79 -10.42 7.51 -15.90
N MET A 80 -11.52 7.74 -15.19
CA MET A 80 -11.51 8.34 -13.88
C MET A 80 -12.34 7.51 -12.90
N LEU A 81 -11.81 7.36 -11.69
CA LEU A 81 -12.51 6.73 -10.58
C LEU A 81 -12.80 7.77 -9.52
N TYR A 82 -13.92 7.61 -8.82
CA TYR A 82 -14.36 8.57 -7.82
C TYR A 82 -14.79 7.86 -6.55
N LEU A 83 -14.56 8.52 -5.42
CA LEU A 83 -15.08 8.08 -4.12
C LEU A 83 -15.78 9.25 -3.47
N GLN A 84 -17.10 9.16 -3.35
CA GLN A 84 -17.89 10.18 -2.69
C GLN A 84 -18.04 9.82 -1.21
N MET A 85 -17.77 10.79 -0.34
CA MET A 85 -17.76 10.59 1.10
C MET A 85 -18.73 11.57 1.74
N ASN A 86 -19.63 11.06 2.57
CA ASN A 86 -20.60 11.88 3.30
C ASN A 86 -20.60 11.48 4.76
N ASN A 87 -20.99 12.42 5.61
CA ASN A 87 -21.00 12.24 7.07
C ASN A 87 -19.65 11.71 7.54
N LEU A 88 -18.60 12.49 7.26
CA LEU A 88 -17.24 12.07 7.56
C LEU A 88 -17.02 12.07 9.07
N LYS A 89 -16.54 10.94 9.58
CA LYS A 89 -16.24 10.78 10.99
C LYS A 89 -14.73 10.89 11.21
N THR A 90 -14.35 10.98 12.49
CA THR A 90 -12.93 10.98 12.84
C THR A 90 -12.24 9.71 12.36
N GLU A 91 -12.95 8.58 12.42
CA GLU A 91 -12.37 7.30 12.03
C GLU A 91 -12.07 7.21 10.54
N ASP A 92 -12.50 8.19 9.74
CA ASP A 92 -12.20 8.20 8.31
C ASP A 92 -10.88 8.87 7.99
N THR A 93 -10.20 9.48 8.96
CA THR A 93 -8.94 10.17 8.69
C THR A 93 -7.87 9.14 8.32
N ALA A 94 -7.42 9.19 7.07
CA ALA A 94 -6.51 8.18 6.54
C ALA A 94 -6.02 8.64 5.17
N MET A 95 -5.12 7.85 4.59
CA MET A 95 -4.64 8.04 3.22
C MET A 95 -5.37 7.07 2.31
N TYR A 96 -5.82 7.57 1.16
CA TYR A 96 -6.68 6.81 0.27
C TYR A 96 -5.98 6.55 -1.06
N TYR A 97 -5.93 5.28 -1.45
CA TYR A 97 -5.35 4.85 -2.72
C TYR A 97 -6.44 4.26 -3.60
N CYS A 98 -6.32 4.46 -4.90
CA CYS A 98 -7.05 3.63 -5.85
C CYS A 98 -6.18 2.45 -6.23
N VAL A 99 -6.79 1.28 -6.35
CA VAL A 99 -6.08 0.03 -6.60
C VAL A 99 -6.78 -0.70 -7.73
N ARG A 100 -5.99 -1.29 -8.63
CA ARG A 100 -6.53 -1.96 -9.80
C ARG A 100 -6.61 -3.47 -9.55
N HIS A 101 -7.82 -4.01 -9.64
CA HIS A 101 -8.10 -5.43 -9.46
C HIS A 101 -7.52 -5.96 -8.14
N VAL A 102 -6.53 -6.84 -8.22
CA VAL A 102 -6.01 -7.50 -7.02
C VAL A 102 -4.81 -6.79 -6.42
N GLY A 103 -4.43 -5.64 -6.94
CA GLY A 103 -3.32 -4.90 -6.42
C GLY A 103 -2.05 -4.84 -7.27
N ASP A 104 -2.14 -5.10 -8.57
CA ASP A 104 -0.96 -5.03 -9.42
C ASP A 104 -0.38 -3.61 -9.45
N TYR A 105 -1.23 -2.60 -9.38
CA TYR A 105 -0.78 -1.22 -9.44
C TYR A 105 -1.60 -0.38 -8.47
N TRP A 106 -0.90 0.35 -7.61
CA TRP A 106 -1.49 1.26 -6.63
C TRP A 106 -1.22 2.70 -7.04
N GLY A 107 -1.80 3.63 -6.29
CA GLY A 107 -1.64 5.04 -6.55
C GLY A 107 -0.76 5.72 -5.50
N GLN A 108 -0.43 6.99 -5.79
CA GLN A 108 0.43 7.75 -4.89
C GLN A 108 -0.26 7.97 -3.55
N GLY A 109 -1.56 8.19 -3.57
CA GLY A 109 -2.32 8.40 -2.35
C GLY A 109 -2.74 9.85 -2.19
N THR A 110 -3.89 10.04 -1.56
CA THR A 110 -4.39 11.36 -1.21
C THR A 110 -4.82 11.33 0.26
N SER A 111 -4.30 12.28 1.03
CA SER A 111 -4.49 12.28 2.48
C SER A 111 -5.74 13.06 2.86
N VAL A 112 -6.45 12.56 3.88
CA VAL A 112 -7.71 13.15 4.32
C VAL A 112 -7.70 13.17 5.84
N THR A 113 -7.86 14.37 6.42
CA THR A 113 -7.89 14.54 7.87
C THR A 113 -9.25 15.10 8.26
N VAL A 114 -9.95 14.38 9.14
CA VAL A 114 -11.24 14.81 9.66
C VAL A 114 -11.01 15.25 11.10
N SER A 115 -11.02 16.56 11.33
CA SER A 115 -10.77 17.11 12.66
C SER A 115 -11.45 18.46 12.79
N SER A 116 -11.76 18.82 14.03
CA SER A 116 -12.36 20.12 14.31
C SER A 116 -11.40 21.27 14.11
N ALA A 117 -10.09 20.99 14.10
CA ALA A 117 -9.08 22.05 14.05
C ALA A 117 -9.06 22.70 12.68
N SER A 118 -8.25 23.75 12.57
CA SER A 118 -8.15 24.56 11.36
C SER A 118 -6.77 24.41 10.73
N ILE A 119 -6.72 24.57 9.41
CA ILE A 119 -5.47 24.40 8.68
C ILE A 119 -4.49 25.49 9.10
N ARG A 120 -3.25 25.07 9.36
CA ARG A 120 -2.15 25.99 9.64
C ARG A 120 -1.05 25.71 8.61
N ASN A 121 -0.82 26.66 7.71
CA ASN A 121 0.22 26.47 6.71
C ASN A 121 1.59 26.53 7.38
N PRO A 122 2.54 25.71 6.92
CA PRO A 122 3.79 25.54 7.67
C PRO A 122 4.76 26.71 7.50
N GLN A 123 5.72 26.74 8.41
CA GLN A 123 6.80 27.74 8.42
C GLN A 123 8.13 27.03 8.17
N LEU A 124 8.87 27.50 7.18
CA LEU A 124 10.10 26.85 6.75
C LEU A 124 11.31 27.68 7.16
N TYR A 125 12.26 27.04 7.84
CA TYR A 125 13.45 27.71 8.33
C TYR A 125 14.69 26.98 7.81
N PRO A 126 15.66 27.70 7.24
CA PRO A 126 16.89 27.05 6.78
C PRO A 126 17.90 26.97 7.92
N LEU A 127 18.45 25.77 8.11
CA LEU A 127 19.41 25.53 9.19
C LEU A 127 20.77 25.26 8.57
N LYS A 128 21.74 26.11 8.89
CA LYS A 128 23.10 26.10 8.36
C LYS A 128 24.09 25.88 9.51
N PRO A 129 25.29 25.39 9.21
CA PRO A 129 26.29 25.25 10.27
C PRO A 129 26.71 26.60 10.80
N CYS A 130 27.28 26.58 11.99
CA CYS A 130 27.78 27.81 12.59
C CYS A 130 29.03 28.26 11.86
N LYS A 131 29.22 29.58 11.80
CA LYS A 131 30.31 30.17 11.04
C LYS A 131 31.68 29.58 11.39
N GLY A 132 32.26 28.83 10.45
CA GLY A 132 33.54 28.17 10.62
C GLY A 132 33.41 26.65 10.78
N THR A 133 32.30 26.19 11.32
CA THR A 133 32.06 24.77 11.52
C THR A 133 31.42 24.09 10.31
N ALA A 134 31.51 24.72 9.13
CA ALA A 134 30.80 24.26 7.96
C ALA A 134 31.08 22.80 7.66
N SER A 135 30.02 22.06 7.36
CA SER A 135 30.10 20.65 7.03
C SER A 135 29.26 20.39 5.78
N MET A 136 29.39 19.16 5.26
CA MET A 136 28.64 18.79 4.07
C MET A 136 27.14 18.74 4.34
N THR A 137 26.74 18.40 5.56
CA THR A 137 25.33 18.25 5.88
C THR A 137 24.67 19.60 6.10
N LEU A 138 23.47 19.75 5.53
CA LEU A 138 22.63 20.94 5.62
C LEU A 138 21.19 20.45 5.82
N GLY A 139 20.25 21.37 6.01
CA GLY A 139 18.88 20.91 6.18
C GLY A 139 17.87 22.03 6.30
N CYS A 140 16.63 21.63 6.59
CA CYS A 140 15.47 22.52 6.64
C CYS A 140 14.56 22.10 7.79
N LEU A 141 13.92 23.08 8.44
CA LEU A 141 13.00 22.85 9.54
C LEU A 141 11.61 23.33 9.14
N VAL A 142 10.67 22.40 9.05
CA VAL A 142 9.26 22.71 8.79
C VAL A 142 8.50 22.57 10.10
N LYS A 143 7.85 23.65 10.54
CA LYS A 143 7.33 23.70 11.89
C LYS A 143 5.94 24.33 11.91
N ASP A 144 5.12 23.87 12.86
CA ASP A 144 3.79 24.40 13.15
C ASP A 144 2.89 24.35 11.91
N TYR A 145 2.40 23.13 11.62
CA TYR A 145 1.45 22.96 10.54
C TYR A 145 0.42 21.91 10.91
N PHE A 146 -0.74 22.02 10.26
CA PHE A 146 -1.86 21.09 10.35
C PHE A 146 -2.63 21.25 9.05
N PRO A 147 -3.12 20.16 8.45
CA PRO A 147 -3.12 18.77 8.94
C PRO A 147 -1.96 17.89 8.46
N GLY A 148 -1.31 18.27 7.37
CA GLY A 148 -0.32 17.42 6.74
C GLY A 148 -0.96 16.52 5.70
N PRO A 149 -0.13 15.78 4.95
CA PRO A 149 1.32 15.67 5.06
C PRO A 149 2.06 16.78 4.31
N VAL A 150 3.35 16.92 4.57
CA VAL A 150 4.21 17.84 3.83
C VAL A 150 5.19 17.02 3.01
N THR A 151 5.46 17.46 1.80
CA THR A 151 6.38 16.78 0.89
C THR A 151 7.59 17.69 0.69
N VAL A 152 8.65 17.44 1.44
CA VAL A 152 9.86 18.25 1.40
C VAL A 152 10.82 17.61 0.41
N THR A 153 11.12 18.33 -0.68
CA THR A 153 11.97 17.83 -1.75
C THR A 153 13.14 18.79 -1.98
N TRP A 154 14.31 18.22 -2.20
CA TRP A 154 15.55 18.99 -2.34
C TRP A 154 15.92 19.18 -3.80
N TYR A 155 16.45 20.36 -4.12
CA TYR A 155 17.03 20.68 -5.42
C TYR A 155 18.39 21.32 -5.19
N SER A 156 19.43 20.80 -5.83
CA SER A 156 20.76 21.33 -5.64
C SER A 156 21.57 21.18 -6.93
N ASP A 157 22.77 21.77 -6.93
CA ASP A 157 23.69 21.67 -8.04
C ASP A 157 24.82 20.69 -7.76
N SER A 158 24.64 19.79 -6.80
CA SER A 158 25.64 18.79 -6.45
C SER A 158 25.18 17.40 -6.85
N LEU A 159 26.14 16.57 -7.24
CA LEU A 159 25.91 15.15 -7.37
C LEU A 159 26.21 14.45 -6.04
N ASN A 160 25.89 13.16 -5.97
CA ASN A 160 26.02 12.37 -4.75
C ASN A 160 25.32 13.06 -3.58
N MET A 161 24.03 13.31 -3.78
CA MET A 161 23.20 14.06 -2.84
C MET A 161 22.24 13.09 -2.16
N SER A 162 22.41 12.92 -0.85
CA SER A 162 21.52 12.09 -0.04
C SER A 162 20.54 12.99 0.72
N THR A 163 19.28 12.57 0.75
CA THR A 163 18.22 13.29 1.43
C THR A 163 17.53 12.37 2.42
N VAL A 164 17.44 12.81 3.68
CA VAL A 164 16.81 12.06 4.74
C VAL A 164 15.73 12.94 5.35
N ASN A 165 14.47 12.53 5.23
CA ASN A 165 13.35 13.19 5.87
C ASN A 165 12.93 12.41 7.10
N PHE A 166 12.49 13.14 8.12
CA PHE A 166 12.12 12.55 9.39
C PHE A 166 10.62 12.64 9.60
N PRO A 167 10.00 11.56 10.10
CA PRO A 167 8.54 11.57 10.29
C PRO A 167 8.06 12.74 11.13
N ALA A 168 6.87 13.25 10.79
CA ALA A 168 6.31 14.39 11.49
C ALA A 168 5.98 14.03 12.94
N LEU A 169 5.98 15.05 13.79
CA LEU A 169 5.81 14.89 15.23
C LEU A 169 4.75 15.87 15.73
N GLY A 170 3.59 15.34 16.08
CA GLY A 170 2.60 16.11 16.81
C GLY A 170 1.18 15.90 16.33
N SER A 171 0.23 16.27 17.20
CA SER A 171 -1.16 16.48 16.85
C SER A 171 -1.45 17.98 16.84
N GLU A 172 -2.46 18.37 16.08
CA GLU A 172 -2.72 19.77 15.76
C GLU A 172 -1.46 20.35 15.12
N LEU A 173 -0.75 21.23 15.82
CA LEU A 173 0.49 21.80 15.29
C LEU A 173 1.57 20.72 15.22
N LYS A 174 2.01 20.39 14.01
CA LYS A 174 3.02 19.36 13.78
C LYS A 174 4.30 20.00 13.24
N VAL A 175 5.42 19.29 13.44
CA VAL A 175 6.71 19.73 12.96
C VAL A 175 7.41 18.54 12.32
N THR A 176 8.40 18.84 11.47
CA THR A 176 9.17 17.81 10.80
C THR A 176 10.49 18.42 10.31
N THR A 177 11.49 17.55 10.16
CA THR A 177 12.84 17.96 9.81
C THR A 177 13.34 17.19 8.59
N SER A 178 14.18 17.86 7.79
CA SER A 178 14.76 17.27 6.60
C SER A 178 16.24 17.59 6.55
N GLN A 179 17.06 16.59 6.22
CA GLN A 179 18.51 16.72 6.19
C GLN A 179 19.04 16.34 4.82
N VAL A 180 19.94 17.15 4.29
CA VAL A 180 20.64 16.86 3.05
C VAL A 180 22.10 16.57 3.40
N THR A 181 22.72 15.71 2.59
CA THR A 181 24.12 15.32 2.79
C THR A 181 24.78 15.24 1.42
N SER A 182 25.73 16.13 1.17
CA SER A 182 26.44 16.16 -0.10
C SER A 182 27.84 15.58 0.07
N TRP A 183 28.37 15.02 -1.02
CA TRP A 183 29.73 14.52 -1.05
C TRP A 183 30.38 14.93 -2.35
N GLY A 184 31.71 14.86 -2.39
CA GLY A 184 32.43 15.25 -3.59
C GLY A 184 32.64 16.75 -3.68
N LYS A 185 32.68 17.24 -4.92
CA LYS A 185 32.95 18.66 -5.15
C LYS A 185 31.84 19.52 -4.55
N SER A 186 32.23 20.67 -4.01
CA SER A 186 31.30 21.54 -3.31
C SER A 186 30.31 22.18 -4.28
N ALA A 187 29.10 22.39 -3.79
CA ALA A 187 28.04 23.03 -4.56
C ALA A 187 27.64 24.34 -3.92
N LYS A 188 27.16 25.27 -4.74
CA LYS A 188 26.82 26.61 -4.28
C LYS A 188 25.39 26.74 -3.81
N ASN A 189 24.49 25.87 -4.24
CA ASN A 189 23.05 26.03 -4.02
C ASN A 189 22.47 24.77 -3.38
N PHE A 190 21.66 24.95 -2.34
CA PHE A 190 20.95 23.86 -1.68
C PHE A 190 19.58 24.39 -1.29
N THR A 191 18.58 24.13 -2.12
CA THR A 191 17.24 24.68 -1.95
C THR A 191 16.28 23.54 -1.61
N CYS A 192 15.49 23.74 -0.54
CA CYS A 192 14.47 22.78 -0.14
C CYS A 192 13.10 23.37 -0.44
N HIS A 193 12.25 22.56 -1.06
CA HIS A 193 10.94 22.97 -1.56
C HIS A 193 9.87 22.17 -0.82
N VAL A 194 9.06 22.87 -0.02
CA VAL A 194 8.06 22.24 0.84
C VAL A 194 6.68 22.52 0.27
N THR A 195 5.85 21.48 0.20
CA THR A 195 4.48 21.57 -0.30
C THR A 195 3.51 21.14 0.78
N HIS A 196 2.46 21.95 1.00
CA HIS A 196 1.35 21.63 1.87
C HIS A 196 0.12 21.39 1.00
N PRO A 197 -0.77 20.47 1.39
CA PRO A 197 -1.83 20.01 0.47
C PRO A 197 -2.64 21.15 -0.12
N PRO A 198 -3.11 22.13 0.70
CA PRO A 198 -4.02 23.12 0.08
C PRO A 198 -3.29 24.21 -0.70
N SER A 199 -2.57 23.80 -1.74
CA SER A 199 -1.94 24.70 -2.71
C SER A 199 -0.98 25.68 -2.04
N PHE A 200 -0.12 25.15 -1.18
CA PHE A 200 0.92 25.94 -0.53
C PHE A 200 2.28 25.45 -1.03
N ASN A 201 3.03 26.35 -1.66
CA ASN A 201 4.36 26.05 -2.15
C ASN A 201 5.31 27.16 -1.75
N GLU A 202 6.44 26.80 -1.16
CA GLU A 202 7.45 27.76 -0.73
C GLU A 202 8.80 27.08 -0.73
N SER A 203 9.85 27.89 -0.84
CA SER A 203 11.21 27.38 -0.96
C SER A 203 12.17 28.26 -0.17
N ARG A 204 13.18 27.61 0.41
CA ARG A 204 14.25 28.30 1.14
C ARG A 204 15.58 27.85 0.55
N THR A 205 16.42 28.83 0.19
CA THR A 205 17.67 28.58 -0.50
C THR A 205 18.85 28.84 0.44
N ILE A 206 19.74 27.86 0.53
CA ILE A 206 20.95 27.94 1.34
C ILE A 206 22.15 28.06 0.41
N LEU A 207 22.72 29.25 0.34
CA LEU A 207 23.91 29.48 -0.48
C LEU A 207 25.16 29.22 0.34
N VAL A 208 26.17 28.64 -0.31
CA VAL A 208 27.40 28.23 0.36
C VAL A 208 28.56 29.03 -0.21
N ARG A 209 29.47 29.45 0.66
CA ARG A 209 30.66 30.18 0.25
C ARG A 209 31.91 29.31 0.40
N ASP B 1 -18.66 -12.76 6.35
CA ASP B 1 -17.38 -12.11 6.08
C ASP B 1 -16.21 -12.99 6.52
N ILE B 2 -15.09 -12.85 5.83
CA ILE B 2 -13.90 -13.65 6.08
C ILE B 2 -12.83 -12.71 6.63
N GLN B 3 -12.64 -12.74 7.95
CA GLN B 3 -11.56 -11.99 8.58
C GLN B 3 -10.30 -12.83 8.59
N MET B 4 -9.15 -12.16 8.52
CA MET B 4 -7.86 -12.82 8.38
C MET B 4 -6.92 -12.38 9.49
N THR B 5 -6.21 -13.36 10.06
CA THR B 5 -5.29 -13.13 11.16
C THR B 5 -3.88 -13.50 10.72
N GLN B 6 -2.98 -12.51 10.78
CA GLN B 6 -1.60 -12.67 10.37
C GLN B 6 -0.70 -12.80 11.59
N SER B 7 0.39 -13.55 11.42
CA SER B 7 1.36 -13.74 12.49
C SER B 7 2.71 -14.07 11.88
N PRO B 8 3.83 -13.69 12.53
CA PRO B 8 3.85 -12.92 13.78
C PRO B 8 3.61 -11.43 13.54
N ALA B 9 3.63 -10.64 14.62
CA ALA B 9 3.45 -9.20 14.47
C ALA B 9 4.76 -8.51 14.08
N SER B 10 5.86 -8.91 14.70
CA SER B 10 7.17 -8.35 14.39
C SER B 10 8.20 -9.46 14.30
N LEU B 11 9.12 -9.33 13.34
CA LEU B 11 10.18 -10.30 13.16
C LEU B 11 11.47 -9.58 12.83
N SER B 12 12.56 -10.01 13.46
CA SER B 12 13.88 -9.46 13.24
C SER B 12 14.83 -10.58 12.85
N ALA B 13 15.63 -10.36 11.81
CA ALA B 13 16.54 -11.37 11.31
C ALA B 13 17.74 -10.73 10.66
N SER B 14 18.92 -11.29 10.94
CA SER B 14 20.13 -10.83 10.27
C SER B 14 20.05 -11.12 8.78
N VAL B 15 20.78 -10.32 8.00
CA VAL B 15 20.80 -10.52 6.55
C VAL B 15 21.31 -11.92 6.23
N GLY B 16 20.72 -12.54 5.21
CA GLY B 16 21.07 -13.89 4.82
C GLY B 16 20.18 -14.97 5.41
N GLU B 17 19.39 -14.64 6.43
CA GLU B 17 18.53 -15.62 7.08
C GLU B 17 17.22 -15.75 6.32
N THR B 18 16.33 -16.61 6.83
CA THR B 18 15.07 -16.93 6.17
C THR B 18 13.93 -16.76 7.16
N VAL B 19 12.82 -16.16 6.70
CA VAL B 19 11.64 -15.97 7.52
C VAL B 19 10.40 -16.35 6.72
N THR B 20 9.36 -16.75 7.44
CA THR B 20 8.04 -17.00 6.87
C THR B 20 7.00 -16.23 7.67
N ILE B 21 6.10 -15.57 6.98
CA ILE B 21 4.96 -14.88 7.59
C ILE B 21 3.71 -15.66 7.22
N THR B 22 2.99 -16.16 8.23
CA THR B 22 1.79 -16.93 7.99
C THR B 22 0.54 -16.07 8.14
N CYS B 23 -0.48 -16.43 7.36
CA CYS B 23 -1.72 -15.66 7.28
C CYS B 23 -2.87 -16.65 7.19
N ARG B 24 -3.89 -16.45 8.02
CA ARG B 24 -4.97 -17.42 8.18
C ARG B 24 -6.32 -16.77 7.93
N ALA B 25 -7.19 -17.48 7.21
CA ALA B 25 -8.53 -17.02 6.93
C ALA B 25 -9.55 -17.78 7.77
N SER B 26 -10.68 -17.13 8.06
CA SER B 26 -11.75 -17.77 8.80
C SER B 26 -12.55 -18.75 7.95
N GLY B 27 -12.31 -18.79 6.65
CA GLY B 27 -12.92 -19.78 5.78
C GLY B 27 -12.04 -20.00 4.58
N ASN B 28 -12.32 -21.06 3.84
CA ASN B 28 -11.60 -21.34 2.61
C ASN B 28 -11.73 -20.16 1.66
N ILE B 29 -10.59 -19.52 1.34
CA ILE B 29 -10.56 -18.52 0.28
C ILE B 29 -10.12 -19.09 -1.05
N HIS B 30 -9.90 -20.40 -1.12
CA HIS B 30 -9.64 -21.12 -2.38
C HIS B 30 -8.52 -20.47 -3.19
N ASN B 31 -7.43 -20.16 -2.49
CA ASN B 31 -6.17 -19.66 -3.04
C ASN B 31 -6.30 -18.29 -3.67
N TYR B 32 -7.34 -17.52 -3.32
CA TYR B 32 -7.44 -16.11 -3.73
C TYR B 32 -6.83 -15.23 -2.63
N LEU B 33 -5.50 -15.26 -2.56
CA LEU B 33 -4.78 -14.48 -1.55
C LEU B 33 -3.57 -13.80 -2.18
N ALA B 34 -3.35 -12.54 -1.80
CA ALA B 34 -2.24 -11.75 -2.31
C ALA B 34 -1.39 -11.23 -1.15
N TRP B 35 -0.12 -10.98 -1.43
CA TRP B 35 0.84 -10.46 -0.46
C TRP B 35 1.35 -9.10 -0.92
N PHE B 36 1.39 -8.15 0.01
CA PHE B 36 1.87 -6.79 -0.25
C PHE B 36 2.97 -6.44 0.74
N GLN B 37 3.99 -5.73 0.25
CA GLN B 37 5.02 -5.15 1.08
C GLN B 37 4.88 -3.64 1.08
N GLN B 38 5.07 -3.01 2.24
CA GLN B 38 4.97 -1.57 2.34
C GLN B 38 6.08 -1.03 3.21
N LYS B 39 6.71 0.06 2.74
CA LYS B 39 7.73 0.78 3.46
C LYS B 39 7.17 2.13 3.91
N GLN B 40 7.85 2.73 4.89
CA GLN B 40 7.36 3.96 5.48
C GLN B 40 7.32 5.08 4.43
N GLY B 41 6.19 5.80 4.40
CA GLY B 41 6.01 6.94 3.53
C GLY B 41 5.70 6.63 2.08
N LYS B 42 5.48 5.36 1.73
CA LYS B 42 5.21 4.96 0.36
C LYS B 42 3.99 4.05 0.32
N SER B 43 3.48 3.84 -0.90
CA SER B 43 2.34 2.99 -1.13
C SER B 43 2.76 1.52 -1.17
N PRO B 44 1.83 0.60 -0.91
CA PRO B 44 2.18 -0.83 -0.92
C PRO B 44 2.55 -1.30 -2.33
N GLN B 45 3.15 -2.49 -2.37
CA GLN B 45 3.58 -3.10 -3.62
C GLN B 45 3.31 -4.58 -3.57
N LEU B 46 2.69 -5.11 -4.63
CA LEU B 46 2.34 -6.51 -4.68
C LEU B 46 3.56 -7.38 -4.89
N LEU B 47 3.74 -8.38 -4.02
CA LEU B 47 4.81 -9.36 -4.15
C LEU B 47 4.32 -10.67 -4.76
N VAL B 48 3.33 -11.30 -4.13
CA VAL B 48 2.76 -12.56 -4.58
C VAL B 48 1.27 -12.37 -4.76
N TYR B 49 0.77 -12.63 -5.97
CA TYR B 49 -0.66 -12.62 -6.24
C TYR B 49 -1.12 -14.05 -6.47
N ASN B 50 -2.30 -14.37 -5.95
CA ASN B 50 -2.74 -15.76 -5.78
C ASN B 50 -1.75 -16.48 -4.88
N ALA B 51 -2.00 -17.76 -4.58
CA ALA B 51 -1.22 -18.45 -3.57
C ALA B 51 0.28 -18.39 -3.86
N LYS B 52 0.67 -18.59 -5.12
CA LYS B 52 2.07 -18.81 -5.43
C LYS B 52 2.61 -17.98 -6.60
N THR B 53 1.79 -17.18 -7.27
CA THR B 53 2.24 -16.46 -8.47
C THR B 53 2.93 -15.16 -8.09
N LEU B 54 4.21 -15.04 -8.45
CA LEU B 54 4.97 -13.83 -8.22
C LEU B 54 4.60 -12.76 -9.25
N ALA B 55 4.54 -11.51 -8.79
CA ALA B 55 4.26 -10.40 -9.69
C ALA B 55 5.53 -9.98 -10.42
N ASP B 56 5.36 -9.08 -11.39
CA ASP B 56 6.48 -8.62 -12.19
C ASP B 56 7.46 -7.83 -11.33
N GLY B 57 8.75 -8.07 -11.54
CA GLY B 57 9.79 -7.33 -10.84
C GLY B 57 9.96 -7.67 -9.39
N VAL B 58 9.54 -8.87 -8.98
CA VAL B 58 9.71 -9.33 -7.60
C VAL B 58 10.85 -10.34 -7.57
N PRO B 59 11.84 -10.17 -6.69
CA PRO B 59 12.90 -11.18 -6.57
C PRO B 59 12.33 -12.56 -6.29
N SER B 60 13.03 -13.58 -6.77
CA SER B 60 12.59 -14.97 -6.60
C SER B 60 12.81 -15.49 -5.19
N ARG B 61 13.34 -14.68 -4.28
CA ARG B 61 13.48 -15.12 -2.90
C ARG B 61 12.14 -15.15 -2.16
N PHE B 62 11.06 -14.72 -2.80
CA PHE B 62 9.72 -14.75 -2.21
C PHE B 62 8.98 -15.96 -2.74
N SER B 63 8.69 -16.91 -1.86
CA SER B 63 7.91 -18.10 -2.20
C SER B 63 6.53 -17.97 -1.56
N GLY B 64 5.49 -17.93 -2.39
CA GLY B 64 4.13 -17.89 -1.90
C GLY B 64 3.58 -19.29 -1.78
N SER B 65 3.06 -19.61 -0.59
CA SER B 65 2.62 -20.97 -0.28
C SER B 65 1.27 -20.92 0.43
N GLY B 66 0.60 -22.06 0.42
CA GLY B 66 -0.63 -22.19 1.18
C GLY B 66 -1.78 -22.88 0.45
N SER B 67 -2.85 -23.13 1.19
CA SER B 67 -4.06 -23.75 0.68
C SER B 67 -5.13 -23.68 1.76
N GLY B 68 -6.39 -23.76 1.34
CA GLY B 68 -7.51 -23.69 2.26
C GLY B 68 -7.59 -22.43 3.07
N THR B 69 -7.34 -22.53 4.38
CA THR B 69 -7.46 -21.41 5.29
C THR B 69 -6.12 -20.89 5.79
N GLN B 70 -5.01 -21.53 5.44
CA GLN B 70 -3.70 -21.13 5.94
C GLN B 70 -2.71 -20.98 4.79
N TYR B 71 -2.06 -19.83 4.73
CA TYR B 71 -1.07 -19.53 3.70
C TYR B 71 0.13 -18.87 4.36
N SER B 72 1.25 -18.87 3.65
CA SER B 72 2.48 -18.31 4.21
C SER B 72 3.36 -17.76 3.10
N LEU B 73 4.20 -16.80 3.47
CA LEU B 73 5.15 -16.16 2.56
C LEU B 73 6.56 -16.40 3.08
N LYS B 74 7.37 -17.08 2.29
CA LYS B 74 8.75 -17.39 2.66
C LYS B 74 9.70 -16.45 1.95
N ILE B 75 10.65 -15.90 2.69
CA ILE B 75 11.72 -15.08 2.13
C ILE B 75 13.04 -15.75 2.52
N ASN B 76 13.63 -16.49 1.59
CA ASN B 76 14.96 -17.04 1.78
C ASN B 76 16.01 -16.05 1.32
N SER B 77 17.20 -16.14 1.91
CA SER B 77 18.31 -15.24 1.61
C SER B 77 17.87 -13.78 1.76
N LEU B 78 17.42 -13.46 2.97
CA LEU B 78 16.93 -12.13 3.28
C LEU B 78 17.98 -11.08 2.95
N GLN B 79 17.54 -9.98 2.35
CA GLN B 79 18.40 -8.89 1.93
C GLN B 79 17.98 -7.61 2.63
N PRO B 80 18.89 -6.64 2.78
CA PRO B 80 18.59 -5.48 3.65
C PRO B 80 17.46 -4.60 3.14
N GLU B 81 17.02 -4.76 1.90
CA GLU B 81 15.92 -3.97 1.37
C GLU B 81 14.55 -4.55 1.70
N ASP B 82 14.51 -5.65 2.44
CA ASP B 82 13.26 -6.33 2.76
C ASP B 82 12.64 -5.85 4.07
N PHE B 83 13.15 -4.77 4.65
CA PHE B 83 12.50 -4.16 5.79
C PHE B 83 11.13 -3.61 5.38
N GLY B 84 10.28 -3.41 6.37
CA GLY B 84 8.95 -2.89 6.15
C GLY B 84 7.91 -3.81 6.74
N SER B 85 6.66 -3.63 6.32
CA SER B 85 5.55 -4.43 6.79
C SER B 85 4.92 -5.18 5.61
N TYR B 86 4.29 -6.32 5.92
CA TYR B 86 3.71 -7.19 4.92
C TYR B 86 2.26 -7.49 5.27
N TYR B 87 1.37 -7.29 4.30
CA TYR B 87 -0.05 -7.49 4.49
C TYR B 87 -0.57 -8.53 3.51
N CYS B 88 -1.46 -9.39 3.98
CA CYS B 88 -2.14 -10.39 3.16
C CYS B 88 -3.61 -9.99 2.98
N GLN B 89 -4.13 -10.21 1.78
CA GLN B 89 -5.50 -9.86 1.44
C GLN B 89 -6.12 -10.99 0.65
N HIS B 90 -7.39 -11.29 0.95
CA HIS B 90 -8.11 -12.35 0.25
C HIS B 90 -9.09 -11.74 -0.74
N PHE B 91 -9.40 -12.51 -1.79
CA PHE B 91 -10.30 -12.06 -2.85
C PHE B 91 -11.37 -13.09 -3.16
N TRP B 92 -11.71 -13.95 -2.21
CA TRP B 92 -12.76 -14.94 -2.45
C TRP B 92 -14.13 -14.28 -2.49
N SER B 93 -14.52 -13.59 -1.43
CA SER B 93 -15.80 -12.92 -1.34
C SER B 93 -15.62 -11.57 -0.70
N THR B 94 -16.53 -10.65 -1.04
CA THR B 94 -16.54 -9.36 -0.38
C THR B 94 -17.02 -9.52 1.06
N PRO B 95 -16.40 -8.83 2.03
CA PRO B 95 -15.31 -7.87 1.87
C PRO B 95 -13.95 -8.51 1.62
N TYR B 96 -13.12 -7.84 0.80
CA TYR B 96 -11.76 -8.32 0.53
C TYR B 96 -10.86 -7.80 1.65
N THR B 97 -10.88 -8.53 2.77
CA THR B 97 -10.26 -8.04 4.01
C THR B 97 -8.75 -8.14 3.95
N PHE B 98 -8.09 -7.14 4.50
CA PHE B 98 -6.64 -7.15 4.68
C PHE B 98 -6.28 -7.85 5.98
N GLY B 99 -4.98 -7.87 6.30
CA GLY B 99 -4.49 -8.42 7.53
C GLY B 99 -3.95 -7.34 8.47
N GLY B 100 -3.33 -7.81 9.55
CA GLY B 100 -2.79 -6.92 10.55
C GLY B 100 -1.40 -6.42 10.24
N GLY B 101 -0.67 -7.18 9.44
CA GLY B 101 0.67 -6.78 9.04
C GLY B 101 1.74 -7.39 9.92
N THR B 102 2.94 -7.53 9.34
CA THR B 102 4.11 -8.05 10.05
C THR B 102 5.29 -7.14 9.75
N LYS B 103 5.76 -6.43 10.76
CA LYS B 103 6.89 -5.53 10.60
C LYS B 103 8.19 -6.32 10.68
N LEU B 104 9.03 -6.19 9.65
CA LEU B 104 10.30 -6.89 9.57
C LEU B 104 11.43 -5.91 9.81
N GLU B 105 12.19 -6.13 10.88
CA GLU B 105 13.42 -5.41 11.13
C GLU B 105 14.60 -6.25 10.70
N ILE B 106 15.69 -5.60 10.30
CA ILE B 106 16.88 -6.27 9.82
C ILE B 106 17.93 -6.22 10.93
N LYS B 107 18.20 -7.37 11.55
CA LYS B 107 19.26 -7.45 12.54
C LYS B 107 20.61 -7.18 11.87
N ARG B 108 21.43 -6.38 12.54
CA ARG B 108 22.62 -5.84 11.90
C ARG B 108 23.70 -5.62 12.95
N ALA B 109 24.94 -5.57 12.49
CA ALA B 109 26.06 -5.27 13.39
C ALA B 109 25.89 -3.88 13.98
N ASP B 110 26.43 -3.70 15.19
CA ASP B 110 26.26 -2.44 15.90
C ASP B 110 27.11 -1.33 15.28
N ALA B 111 26.53 -0.14 15.17
CA ALA B 111 27.23 1.03 14.68
C ALA B 111 26.92 2.21 15.59
N ALA B 112 27.89 3.13 15.72
CA ALA B 112 27.74 4.31 16.54
C ALA B 112 27.31 5.50 15.69
N PRO B 113 26.59 6.46 16.27
CA PRO B 113 26.04 7.56 15.46
C PRO B 113 27.11 8.57 15.08
N THR B 114 26.69 9.50 14.21
CA THR B 114 27.44 10.71 13.91
C THR B 114 26.52 11.90 14.19
N VAL B 115 26.94 12.76 15.11
CA VAL B 115 26.11 13.86 15.58
C VAL B 115 26.56 15.15 14.91
N SER B 116 25.59 15.92 14.41
CA SER B 116 25.87 17.23 13.83
C SER B 116 24.77 18.19 14.27
N ILE B 117 25.15 19.28 14.91
CA ILE B 117 24.22 20.24 15.46
C ILE B 117 24.07 21.41 14.50
N PHE B 118 22.97 22.16 14.65
CA PHE B 118 22.70 23.34 13.85
C PHE B 118 22.04 24.38 14.75
N PRO B 119 22.38 25.65 14.58
CA PRO B 119 21.82 26.70 15.43
C PRO B 119 20.52 27.24 14.85
N PRO B 120 19.79 28.05 15.62
CA PRO B 120 18.55 28.66 15.10
C PRO B 120 18.81 29.49 13.84
N SER B 121 17.83 29.48 12.95
CA SER B 121 17.93 30.21 11.70
C SER B 121 17.75 31.71 11.93
N SER B 122 18.18 32.49 10.93
CA SER B 122 17.95 33.93 10.97
C SER B 122 16.46 34.25 10.90
N GLU B 123 15.71 33.46 10.13
CA GLU B 123 14.28 33.73 9.97
C GLU B 123 13.49 33.37 11.22
N GLN B 124 13.85 32.27 11.88
CA GLN B 124 13.18 31.93 13.13
C GLN B 124 13.53 32.93 14.22
N LEU B 125 14.77 33.42 14.24
CA LEU B 125 15.19 34.38 15.26
C LEU B 125 14.41 35.69 15.14
N THR B 126 14.22 36.18 13.92
CA THR B 126 13.40 37.37 13.73
C THR B 126 11.92 37.10 13.98
N SER B 127 11.50 35.83 13.95
CA SER B 127 10.13 35.47 14.24
C SER B 127 9.84 35.39 15.74
N GLY B 128 10.86 35.55 16.58
CA GLY B 128 10.67 35.41 18.01
C GLY B 128 10.92 34.03 18.57
N GLY B 129 11.56 33.14 17.78
CA GLY B 129 11.81 31.79 18.24
C GLY B 129 13.23 31.36 17.94
N ALA B 130 13.58 30.19 18.47
CA ALA B 130 14.94 29.67 18.32
C ALA B 130 14.90 28.17 18.57
N SER B 131 15.39 27.38 17.62
CA SER B 131 15.40 25.93 17.72
C SER B 131 16.76 25.41 17.30
N VAL B 132 17.47 24.81 18.25
CA VAL B 132 18.73 24.13 17.98
C VAL B 132 18.42 22.70 17.56
N VAL B 133 18.86 22.33 16.35
CA VAL B 133 18.54 21.04 15.75
C VAL B 133 19.79 20.18 15.71
N CYS B 134 19.60 18.87 15.91
CA CYS B 134 20.70 17.92 16.04
C CYS B 134 20.33 16.66 15.27
N PHE B 135 21.17 16.26 14.31
CA PHE B 135 20.89 15.12 13.45
C PHE B 135 21.91 14.01 13.72
N LEU B 136 21.46 12.93 14.35
CA LEU B 136 22.23 11.69 14.44
C LEU B 136 21.89 10.86 13.21
N ASN B 137 22.90 10.55 12.40
CA ASN B 137 22.65 10.13 11.02
C ASN B 137 22.73 8.63 10.77
N ASN B 138 23.61 7.88 11.44
CA ASN B 138 23.72 6.47 11.12
C ASN B 138 24.11 5.67 12.36
N PHE B 139 23.27 4.71 12.74
CA PHE B 139 23.52 3.90 13.92
C PHE B 139 22.59 2.70 13.95
N TYR B 140 22.94 1.73 14.80
CA TYR B 140 22.15 0.53 15.10
C TYR B 140 22.53 0.06 16.50
N PRO B 141 21.56 -0.34 17.33
CA PRO B 141 20.11 -0.35 17.09
C PRO B 141 19.49 1.04 17.25
N LYS B 142 18.16 1.12 17.13
CA LYS B 142 17.49 2.42 17.22
C LYS B 142 17.48 2.98 18.63
N ASP B 143 17.67 2.14 19.66
CA ASP B 143 17.67 2.61 21.03
C ASP B 143 18.82 3.58 21.27
N ILE B 144 18.50 4.77 21.76
CA ILE B 144 19.49 5.82 21.95
C ILE B 144 18.89 6.86 22.87
N ASN B 145 19.74 7.58 23.60
CA ASN B 145 19.33 8.61 24.53
C ASN B 145 20.00 9.93 24.18
N VAL B 146 19.28 11.02 24.39
CA VAL B 146 19.72 12.36 24.00
C VAL B 146 19.62 13.28 25.21
N LYS B 147 20.58 14.20 25.33
CA LYS B 147 20.63 15.15 26.44
C LYS B 147 20.97 16.52 25.90
N TRP B 148 20.08 17.48 26.09
CA TRP B 148 20.30 18.88 25.72
C TRP B 148 20.80 19.62 26.94
N LYS B 149 21.99 20.23 26.83
CA LYS B 149 22.61 20.94 27.94
C LYS B 149 22.93 22.37 27.51
N ILE B 150 22.30 23.33 28.16
CA ILE B 150 22.52 24.75 27.90
C ILE B 150 23.52 25.26 28.94
N ASP B 151 24.71 25.64 28.49
CA ASP B 151 25.79 26.06 29.38
C ASP B 151 26.10 24.98 30.42
N GLY B 152 25.99 23.72 30.01
CA GLY B 152 26.22 22.62 30.92
C GLY B 152 25.08 22.31 31.86
N SER B 153 23.96 23.02 31.75
CA SER B 153 22.77 22.74 32.54
C SER B 153 21.78 21.97 31.69
N GLU B 154 21.32 20.83 32.20
CA GLU B 154 20.47 19.94 31.41
C GLU B 154 19.07 20.51 31.28
N ARG B 155 18.47 20.29 30.10
CA ARG B 155 17.11 20.73 29.80
C ARG B 155 16.43 19.63 28.99
N GLN B 156 15.21 19.26 29.39
CA GLN B 156 14.56 18.09 28.81
C GLN B 156 13.09 18.27 28.46
N ASN B 157 12.53 19.46 28.64
CA ASN B 157 11.08 19.60 28.50
C ASN B 157 10.66 19.86 27.07
N GLY B 158 11.44 20.65 26.33
CA GLY B 158 10.99 21.12 25.03
C GLY B 158 11.69 20.54 23.82
N VAL B 159 12.25 19.33 23.95
CA VAL B 159 12.98 18.69 22.86
C VAL B 159 12.08 17.64 22.21
N LEU B 160 12.02 17.67 20.88
CA LEU B 160 11.25 16.69 20.11
C LEU B 160 12.22 15.76 19.37
N ASN B 161 11.85 14.49 19.28
CA ASN B 161 12.75 13.45 18.80
C ASN B 161 12.04 12.63 17.72
N SER B 162 12.58 12.64 16.51
CA SER B 162 12.00 11.93 15.37
C SER B 162 12.92 10.81 14.93
N TRP B 163 12.35 9.62 14.74
CA TRP B 163 13.08 8.44 14.29
C TRP B 163 12.67 8.05 12.88
N THR B 164 13.59 7.45 12.15
CA THR B 164 13.34 6.98 10.79
C THR B 164 13.33 5.46 10.74
N ASP B 165 12.81 4.93 9.65
CA ASP B 165 12.89 3.51 9.39
C ASP B 165 14.30 3.14 8.94
N GLN B 166 14.56 1.85 8.84
CA GLN B 166 15.89 1.38 8.48
C GLN B 166 16.27 1.82 7.07
N ASP B 167 17.56 2.08 6.88
CA ASP B 167 18.06 2.43 5.57
C ASP B 167 17.93 1.25 4.61
N SER B 168 17.67 1.56 3.33
CA SER B 168 17.42 0.52 2.36
C SER B 168 18.63 -0.38 2.15
N LYS B 169 19.84 0.17 2.26
CA LYS B 169 21.06 -0.58 2.03
C LYS B 169 21.95 -0.72 3.26
N ASP B 170 21.84 0.18 4.24
CA ASP B 170 22.69 0.12 5.42
C ASP B 170 21.98 -0.50 6.62
N SER B 171 20.65 -0.57 6.61
CA SER B 171 19.86 -1.07 7.73
C SER B 171 20.16 -0.30 9.03
N THR B 172 20.58 0.94 8.89
CA THR B 172 20.93 1.79 10.01
C THR B 172 19.83 2.84 10.21
N TYR B 173 19.49 3.11 11.47
CA TYR B 173 18.49 4.11 11.78
C TYR B 173 19.11 5.50 11.82
N SER B 174 18.24 6.51 11.87
CA SER B 174 18.65 7.90 11.99
C SER B 174 17.67 8.61 12.90
N MET B 175 18.13 9.71 13.52
CA MET B 175 17.31 10.39 14.51
C MET B 175 17.57 11.89 14.45
N SER B 176 16.56 12.66 14.86
CA SER B 176 16.62 14.11 14.87
C SER B 176 16.11 14.63 16.21
N SER B 177 16.94 15.41 16.88
CA SER B 177 16.57 16.07 18.14
C SER B 177 16.53 17.57 17.91
N THR B 178 15.36 18.17 18.11
CA THR B 178 15.15 19.60 17.90
C THR B 178 14.60 20.22 19.19
N LEU B 179 15.40 21.10 19.79
CA LEU B 179 15.04 21.80 21.01
C LEU B 179 14.68 23.23 20.68
N THR B 180 13.46 23.64 20.99
CA THR B 180 12.95 24.95 20.61
C THR B 180 12.76 25.83 21.84
N LEU B 181 13.06 27.12 21.69
CA LEU B 181 13.01 28.10 22.76
C LEU B 181 12.50 29.42 22.19
N THR B 182 12.40 30.44 23.05
CA THR B 182 12.09 31.78 22.60
C THR B 182 13.39 32.53 22.30
N LYS B 183 13.27 33.73 21.75
CA LYS B 183 14.45 34.49 21.37
C LYS B 183 15.16 35.05 22.60
N ASP B 184 14.40 35.59 23.55
CA ASP B 184 15.00 36.03 24.81
C ASP B 184 15.63 34.87 25.55
N GLU B 185 14.94 33.72 25.59
CA GLU B 185 15.43 32.55 26.32
C GLU B 185 16.76 32.07 25.74
N TYR B 186 16.88 32.04 24.41
CA TYR B 186 18.08 31.53 23.77
C TYR B 186 19.21 32.54 23.80
N GLU B 187 18.89 33.84 23.78
CA GLU B 187 19.92 34.88 23.74
C GLU B 187 20.55 35.13 25.10
N ARG B 188 19.92 34.67 26.19
CA ARG B 188 20.48 34.90 27.52
C ARG B 188 21.78 34.12 27.72
N HIS B 189 21.83 32.89 27.22
CA HIS B 189 22.98 32.02 27.38
C HIS B 189 23.78 31.95 26.08
N ASN B 190 24.95 31.32 26.15
CA ASN B 190 25.88 31.31 25.04
C ASN B 190 26.29 29.92 24.57
N SER B 191 26.45 28.95 25.46
CA SER B 191 26.95 27.63 25.09
C SER B 191 25.81 26.62 25.04
N TYR B 192 25.76 25.86 23.95
CA TYR B 192 24.74 24.84 23.73
C TYR B 192 25.40 23.54 23.30
N THR B 193 25.08 22.46 24.00
CA THR B 193 25.68 21.15 23.72
C THR B 193 24.59 20.12 23.46
N CYS B 194 24.88 19.20 22.54
CA CYS B 194 23.97 18.13 22.14
C CYS B 194 24.70 16.80 22.31
N GLU B 195 24.28 16.01 23.31
CA GLU B 195 24.96 14.78 23.68
C GLU B 195 24.08 13.57 23.44
N ALA B 196 24.69 12.49 22.96
CA ALA B 196 23.99 11.24 22.66
C ALA B 196 24.73 10.07 23.28
N THR B 197 23.98 9.07 23.74
CA THR B 197 24.54 7.88 24.37
C THR B 197 24.00 6.65 23.66
N HIS B 198 24.92 5.81 23.15
CA HIS B 198 24.54 4.64 22.39
C HIS B 198 25.33 3.41 22.83
N LYS B 199 26.50 3.18 22.22
CA LYS B 199 27.38 2.11 22.67
C LYS B 199 27.96 2.38 24.05
N THR B 200 27.98 3.64 24.48
CA THR B 200 28.22 4.11 25.84
C THR B 200 29.70 4.14 26.26
N SER B 201 30.63 3.87 25.34
CA SER B 201 32.04 4.11 25.67
C SER B 201 32.26 5.57 26.05
N THR B 202 31.71 6.49 25.25
CA THR B 202 31.63 7.90 25.59
C THR B 202 30.51 8.50 24.74
N SER B 203 30.09 9.71 25.12
CA SER B 203 28.97 10.34 24.46
C SER B 203 29.46 11.28 23.36
N PRO B 204 29.13 11.04 22.09
CA PRO B 204 29.45 12.01 21.04
C PRO B 204 28.61 13.26 21.20
N ILE B 205 29.26 14.41 21.05
CA ILE B 205 28.62 15.70 21.29
C ILE B 205 29.12 16.74 20.30
N VAL B 206 28.33 17.80 20.15
CA VAL B 206 28.68 18.96 19.34
C VAL B 206 28.16 20.20 20.05
N LYS B 207 28.81 21.34 19.80
CA LYS B 207 28.53 22.56 20.54
C LYS B 207 28.56 23.78 19.64
N SER B 208 27.86 24.83 20.08
CA SER B 208 27.84 26.12 19.41
C SER B 208 27.90 27.21 20.48
N PHE B 209 28.15 28.45 20.02
CA PHE B 209 28.53 29.53 20.94
C PHE B 209 27.58 30.72 20.91
N ASN B 210 26.37 30.56 20.36
CA ASN B 210 25.36 31.62 20.31
C ASN B 210 25.97 32.98 19.95
N ARG B 211 26.47 33.05 18.72
CA ARG B 211 27.01 34.27 18.12
C ARG B 211 28.31 34.75 18.77
N ASN B 212 28.71 34.16 19.91
CA ASN B 212 30.07 34.41 20.40
C ASN B 212 31.10 33.95 19.38
N GLU B 213 30.80 32.88 18.63
CA GLU B 213 31.58 32.48 17.47
C GLU B 213 30.74 32.17 16.24
N CYS B 214 29.41 32.24 16.33
CA CYS B 214 28.52 31.64 15.34
C CYS B 214 28.09 32.67 14.31
N ASP C 1 -2.91 -7.86 -20.70
CA ASP C 1 -3.41 -9.18 -20.29
C ASP C 1 -2.31 -9.98 -19.59
N ASP C 2 -2.60 -10.42 -18.37
CA ASP C 2 -1.61 -11.10 -17.55
C ASP C 2 -1.32 -12.49 -18.09
N ASP C 3 -0.04 -12.79 -18.31
CA ASP C 3 0.39 -14.09 -18.82
C ASP C 3 1.21 -14.87 -17.80
N LYS C 4 1.15 -14.47 -16.52
CA LYS C 4 2.05 -15.01 -15.52
C LYS C 4 1.55 -16.29 -14.85
N MET C 5 0.24 -16.56 -14.90
CA MET C 5 -0.32 -17.77 -14.32
C MET C 5 -0.87 -18.65 -15.43
N SER C 6 -0.45 -19.91 -15.44
CA SER C 6 -0.91 -20.85 -16.45
C SER C 6 -2.37 -21.20 -16.24
N TRP C 7 -3.10 -21.37 -17.35
CA TRP C 7 -4.51 -21.76 -17.27
C TRP C 7 -4.67 -23.10 -16.56
N GLN C 8 -3.69 -23.99 -16.71
CA GLN C 8 -3.71 -25.25 -15.96
C GLN C 8 -3.70 -24.99 -14.46
N ALA C 9 -2.91 -24.00 -14.02
CA ALA C 9 -2.88 -23.67 -12.59
C ALA C 9 -4.22 -23.12 -12.13
N TYR C 10 -4.90 -22.35 -12.98
CA TYR C 10 -6.20 -21.79 -12.62
C TYR C 10 -7.21 -22.91 -12.39
N VAL C 11 -7.32 -23.84 -13.33
CA VAL C 11 -8.33 -24.90 -13.18
C VAL C 11 -7.97 -25.82 -12.01
N ASP C 12 -6.68 -26.01 -11.75
CA ASP C 12 -6.28 -26.95 -10.72
C ASP C 12 -6.46 -26.38 -9.32
N ASP C 13 -6.17 -25.08 -9.15
CA ASP C 13 -6.10 -24.47 -7.84
C ASP C 13 -7.29 -23.58 -7.50
N HIS C 14 -8.17 -23.31 -8.46
CA HIS C 14 -9.35 -22.48 -8.19
C HIS C 14 -10.65 -23.13 -8.62
N LEU C 15 -10.62 -24.23 -9.37
CA LEU C 15 -11.81 -24.93 -9.82
C LEU C 15 -11.94 -26.33 -9.23
N MET C 16 -10.83 -27.03 -9.03
CA MET C 16 -10.85 -28.40 -8.55
C MET C 16 -10.38 -28.52 -7.10
N CYS C 17 -10.32 -27.40 -6.38
CA CYS C 17 -9.96 -27.43 -4.97
C CYS C 17 -11.16 -27.90 -4.14
N GLU C 18 -10.87 -28.24 -2.88
CA GLU C 18 -11.93 -28.71 -1.98
C GLU C 18 -12.81 -27.53 -1.56
N ILE C 19 -14.12 -27.71 -1.70
CA ILE C 19 -15.10 -26.77 -1.19
C ILE C 19 -16.15 -27.55 -0.42
N GLU C 20 -16.32 -27.22 0.86
CA GLU C 20 -17.33 -27.84 1.72
C GLU C 20 -17.22 -29.36 1.73
N GLY C 21 -16.00 -29.88 1.56
CA GLY C 21 -15.74 -31.30 1.60
C GLY C 21 -15.82 -32.00 0.25
N ASN C 22 -16.45 -31.40 -0.74
CA ASN C 22 -16.64 -32.03 -2.05
C ASN C 22 -15.71 -31.44 -3.08
N HIS C 23 -15.65 -32.11 -4.23
CA HIS C 23 -14.85 -31.69 -5.37
C HIS C 23 -15.73 -31.64 -6.61
N LEU C 24 -15.41 -30.73 -7.52
CA LEU C 24 -16.00 -30.77 -8.85
C LEU C 24 -15.62 -32.08 -9.53
N SER C 25 -16.49 -32.55 -10.42
CA SER C 25 -16.16 -33.76 -11.16
C SER C 25 -15.20 -33.47 -12.31
N ALA C 26 -15.37 -32.33 -12.98
CA ALA C 26 -14.49 -31.92 -14.07
C ALA C 26 -14.65 -30.41 -14.28
N ALA C 27 -13.63 -29.80 -14.87
CA ALA C 27 -13.64 -28.36 -15.08
C ALA C 27 -12.75 -28.02 -16.27
N ALA C 28 -13.02 -26.85 -16.86
CA ALA C 28 -12.26 -26.40 -18.02
C ALA C 28 -12.47 -24.90 -18.23
N ILE C 29 -11.43 -24.26 -18.73
CA ILE C 29 -11.51 -22.90 -19.25
C ILE C 29 -11.39 -22.98 -20.76
N ILE C 30 -12.45 -22.55 -21.46
CA ILE C 30 -12.55 -22.67 -22.91
C ILE C 30 -12.85 -21.30 -23.49
N GLY C 31 -12.27 -21.03 -24.65
CA GLY C 31 -12.57 -19.81 -25.36
C GLY C 31 -13.96 -19.86 -25.98
N GLN C 32 -14.49 -18.67 -26.26
CA GLN C 32 -15.77 -18.57 -26.95
C GLN C 32 -15.68 -19.07 -28.39
N ASP C 33 -14.46 -19.10 -28.95
CA ASP C 33 -14.28 -19.69 -30.28
C ASP C 33 -14.39 -21.21 -30.24
N GLY C 34 -14.09 -21.82 -29.09
CA GLY C 34 -14.09 -23.26 -28.96
C GLY C 34 -12.74 -23.86 -28.63
N SER C 35 -11.68 -23.05 -28.54
CA SER C 35 -10.37 -23.56 -28.16
C SER C 35 -10.29 -23.71 -26.65
N VAL C 36 -10.09 -24.94 -26.19
CA VAL C 36 -9.93 -25.17 -24.76
C VAL C 36 -8.59 -24.56 -24.31
N TRP C 37 -8.66 -23.66 -23.33
CA TRP C 37 -7.44 -23.07 -22.79
C TRP C 37 -6.80 -24.00 -21.76
N ALA C 38 -7.62 -24.65 -20.94
CA ALA C 38 -7.17 -25.64 -19.99
C ALA C 38 -8.35 -26.50 -19.58
N GLN C 39 -8.07 -27.74 -19.21
CA GLN C 39 -9.12 -28.67 -18.82
C GLN C 39 -8.53 -29.73 -17.92
N SER C 40 -9.36 -30.23 -17.01
CA SER C 40 -8.94 -31.30 -16.11
C SER C 40 -8.87 -32.62 -16.87
N ALA C 41 -8.44 -33.66 -16.16
CA ALA C 41 -8.16 -34.94 -16.81
C ALA C 41 -9.42 -35.54 -17.43
N ASN C 42 -10.56 -35.41 -16.76
CA ASN C 42 -11.78 -36.09 -17.17
C ASN C 42 -12.82 -35.14 -17.76
N PHE C 43 -12.41 -33.97 -18.23
CA PHE C 43 -13.36 -33.08 -18.87
C PHE C 43 -13.69 -33.58 -20.26
N PRO C 44 -14.97 -33.60 -20.66
CA PRO C 44 -15.34 -34.17 -21.94
C PRO C 44 -14.86 -33.31 -23.11
N GLN C 45 -14.84 -33.93 -24.29
CA GLN C 45 -14.48 -33.25 -25.52
C GLN C 45 -15.73 -32.63 -26.14
N PHE C 46 -15.71 -31.31 -26.31
CA PHE C 46 -16.86 -30.61 -26.87
C PHE C 46 -17.03 -30.93 -28.35
N LYS C 47 -18.20 -30.59 -28.86
CA LYS C 47 -18.47 -30.54 -30.29
C LYS C 47 -18.72 -29.08 -30.67
N SER C 48 -18.36 -28.74 -31.92
CA SER C 48 -18.42 -27.35 -32.35
C SER C 48 -19.83 -26.79 -32.22
N GLU C 49 -20.83 -27.54 -32.69
CA GLU C 49 -22.20 -27.06 -32.63
C GLU C 49 -22.68 -26.87 -31.19
N GLU C 50 -22.18 -27.68 -30.26
CA GLU C 50 -22.57 -27.54 -28.87
C GLU C 50 -22.12 -26.20 -28.30
N ILE C 51 -20.88 -25.79 -28.62
CA ILE C 51 -20.39 -24.49 -28.15
C ILE C 51 -21.17 -23.36 -28.81
N THR C 52 -21.48 -23.49 -30.10
CA THR C 52 -22.24 -22.45 -30.78
C THR C 52 -23.64 -22.31 -30.22
N GLY C 53 -24.28 -23.44 -29.86
CA GLY C 53 -25.57 -23.36 -29.21
C GLY C 53 -25.50 -22.69 -27.84
N ILE C 54 -24.47 -23.03 -27.06
CA ILE C 54 -24.22 -22.36 -25.79
C ILE C 54 -24.09 -20.86 -26.02
N MET C 55 -23.27 -20.47 -26.99
CA MET C 55 -23.03 -19.06 -27.25
C MET C 55 -24.27 -18.36 -27.76
N SER C 56 -25.11 -19.06 -28.52
CA SER C 56 -26.36 -18.45 -29.00
C SER C 56 -27.32 -18.17 -27.85
N ASP C 57 -27.32 -19.02 -26.83
CA ASP C 57 -28.15 -18.76 -25.66
C ASP C 57 -27.62 -17.56 -24.87
N PHE C 58 -26.30 -17.39 -24.81
CA PHE C 58 -25.76 -16.18 -24.18
C PHE C 58 -26.14 -14.94 -24.97
N HIS C 59 -26.27 -15.05 -26.28
CA HIS C 59 -26.67 -13.91 -27.10
C HIS C 59 -28.16 -13.63 -27.01
N GLU C 60 -28.98 -14.68 -26.96
CA GLU C 60 -30.41 -14.57 -26.72
C GLU C 60 -30.80 -15.58 -25.64
N PRO C 61 -30.92 -15.15 -24.39
CA PRO C 61 -31.27 -16.07 -23.31
C PRO C 61 -32.60 -16.76 -23.57
N GLY C 62 -32.60 -18.08 -23.40
CA GLY C 62 -33.80 -18.88 -23.60
C GLY C 62 -33.85 -19.66 -24.90
N THR C 63 -32.83 -19.54 -25.76
CA THR C 63 -32.85 -20.22 -27.05
C THR C 63 -32.34 -21.65 -26.98
N LEU C 64 -31.48 -21.96 -25.99
CA LEU C 64 -30.98 -23.32 -25.85
C LEU C 64 -31.97 -24.23 -25.12
N ALA C 65 -32.98 -23.66 -24.46
CA ALA C 65 -33.91 -24.44 -23.66
C ALA C 65 -34.59 -25.58 -24.41
N PRO C 66 -35.12 -25.38 -25.63
CA PRO C 66 -35.74 -26.52 -26.32
C PRO C 66 -34.77 -27.65 -26.60
N THR C 67 -33.53 -27.30 -26.96
CA THR C 67 -32.54 -28.31 -27.34
C THR C 67 -31.96 -29.00 -26.11
N GLY C 68 -31.60 -28.23 -25.09
CA GLY C 68 -30.88 -28.74 -23.94
C GLY C 68 -29.40 -28.41 -24.02
N LEU C 69 -28.75 -28.41 -22.86
CA LEU C 69 -27.32 -28.13 -22.77
C LEU C 69 -26.56 -29.41 -23.11
N TYR C 70 -26.04 -29.49 -24.32
CA TYR C 70 -25.30 -30.65 -24.79
C TYR C 70 -23.81 -30.42 -24.61
N ILE C 71 -23.20 -31.23 -23.75
CA ILE C 71 -21.76 -31.15 -23.46
C ILE C 71 -21.17 -32.55 -23.59
N GLY C 72 -20.24 -32.72 -24.52
CA GLY C 72 -19.57 -33.99 -24.72
C GLY C 72 -20.53 -35.12 -25.00
N GLY C 73 -21.48 -34.91 -25.90
CA GLY C 73 -22.47 -35.92 -26.23
C GLY C 73 -23.46 -36.21 -25.14
N THR C 74 -23.37 -35.53 -24.00
CA THR C 74 -24.27 -35.73 -22.87
C THR C 74 -25.28 -34.61 -22.82
N LYS C 75 -26.55 -34.96 -22.63
CA LYS C 75 -27.64 -34.01 -22.60
C LYS C 75 -27.96 -33.62 -21.16
N TYR C 76 -27.83 -32.33 -20.85
CA TYR C 76 -28.28 -31.75 -19.59
C TYR C 76 -29.51 -30.90 -19.86
N MET C 77 -30.47 -30.94 -18.94
CA MET C 77 -31.63 -30.06 -19.03
C MET C 77 -31.25 -28.69 -18.49
N VAL C 78 -31.48 -27.65 -19.29
CA VAL C 78 -31.16 -26.30 -18.85
C VAL C 78 -32.05 -25.93 -17.66
N ILE C 79 -31.45 -25.28 -16.67
CA ILE C 79 -32.20 -24.77 -15.53
C ILE C 79 -31.94 -23.27 -15.45
N GLN C 80 -32.39 -22.64 -14.36
CA GLN C 80 -32.31 -21.19 -14.27
C GLN C 80 -30.87 -20.71 -14.14
N GLY C 81 -30.56 -19.62 -14.83
CA GLY C 81 -29.25 -19.00 -14.75
C GLY C 81 -29.33 -17.49 -14.76
N GLU C 82 -28.19 -16.83 -14.99
CA GLU C 82 -28.18 -15.38 -15.12
C GLU C 82 -28.11 -15.00 -16.59
N PRO C 83 -28.99 -14.12 -17.06
CA PRO C 83 -29.03 -13.81 -18.50
C PRO C 83 -27.71 -13.22 -18.99
N GLY C 84 -27.15 -13.86 -20.02
CA GLY C 84 -25.92 -13.40 -20.62
C GLY C 84 -24.67 -13.60 -19.78
N ALA C 85 -24.77 -14.31 -18.67
CA ALA C 85 -23.61 -14.47 -17.79
C ALA C 85 -23.39 -15.93 -17.41
N VAL C 86 -24.45 -16.63 -17.00
CA VAL C 86 -24.35 -18.00 -16.51
C VAL C 86 -25.41 -18.86 -17.17
N ILE C 87 -25.01 -20.07 -17.58
CA ILE C 87 -25.91 -21.09 -18.11
C ILE C 87 -25.72 -22.34 -17.26
N ARG C 88 -26.83 -22.94 -16.82
CA ARG C 88 -26.78 -24.07 -15.90
C ARG C 88 -27.59 -25.23 -16.45
N GLY C 89 -27.20 -26.44 -16.06
CA GLY C 89 -27.89 -27.63 -16.49
C GLY C 89 -27.90 -28.68 -15.40
N LYS C 90 -28.92 -29.53 -15.43
CA LYS C 90 -29.10 -30.61 -14.47
C LYS C 90 -29.28 -31.92 -15.21
N LYS C 91 -28.56 -32.96 -14.77
CA LYS C 91 -28.74 -34.32 -15.26
C LYS C 91 -28.91 -35.23 -14.05
N GLY C 92 -30.07 -35.14 -13.41
CA GLY C 92 -30.33 -35.89 -12.20
C GLY C 92 -29.53 -35.35 -11.03
N PRO C 93 -28.83 -36.24 -10.31
CA PRO C 93 -28.03 -35.80 -9.17
C PRO C 93 -26.83 -34.93 -9.53
N GLY C 94 -26.47 -34.86 -10.80
CA GLY C 94 -25.37 -34.04 -11.26
C GLY C 94 -25.83 -32.83 -12.05
N GLY C 95 -24.85 -32.06 -12.52
CA GLY C 95 -25.15 -30.90 -13.32
C GLY C 95 -23.89 -30.20 -13.77
N VAL C 96 -24.07 -29.02 -14.35
CA VAL C 96 -22.98 -28.26 -14.95
C VAL C 96 -23.29 -26.78 -14.87
N THR C 97 -22.24 -25.97 -14.74
CA THR C 97 -22.36 -24.51 -14.69
C THR C 97 -21.39 -23.92 -15.69
N VAL C 98 -21.91 -23.10 -16.61
CA VAL C 98 -21.11 -22.42 -17.63
C VAL C 98 -21.18 -20.92 -17.35
N LYS C 99 -20.04 -20.34 -16.96
CA LYS C 99 -19.94 -18.93 -16.64
C LYS C 99 -19.20 -18.22 -17.77
N LYS C 100 -19.74 -17.08 -18.21
CA LYS C 100 -19.21 -16.34 -19.34
C LYS C 100 -18.28 -15.23 -18.87
N THR C 101 -17.10 -15.14 -19.49
CA THR C 101 -16.18 -14.03 -19.33
C THR C 101 -16.18 -13.20 -20.61
N ASN C 102 -15.32 -12.17 -20.64
CA ASN C 102 -15.26 -11.31 -21.81
C ASN C 102 -14.79 -12.07 -23.05
N GLN C 103 -13.87 -13.01 -22.86
CA GLN C 103 -13.31 -13.76 -23.98
C GLN C 103 -13.41 -15.27 -23.86
N ALA C 104 -13.84 -15.80 -22.71
CA ALA C 104 -13.74 -17.23 -22.46
C ALA C 104 -14.99 -17.73 -21.75
N LEU C 105 -15.00 -19.04 -21.49
CA LEU C 105 -16.10 -19.72 -20.82
C LEU C 105 -15.52 -20.59 -19.72
N ILE C 106 -16.03 -20.43 -18.51
CA ILE C 106 -15.65 -21.26 -17.37
C ILE C 106 -16.73 -22.30 -17.16
N ILE C 107 -16.33 -23.58 -17.15
CA ILE C 107 -17.28 -24.69 -17.10
C ILE C 107 -16.89 -25.63 -15.97
N GLY C 108 -17.86 -25.98 -15.13
CA GLY C 108 -17.68 -26.93 -14.08
C GLY C 108 -18.77 -27.97 -14.05
N ILE C 109 -18.39 -29.25 -14.01
CA ILE C 109 -19.32 -30.37 -14.03
C ILE C 109 -19.24 -31.06 -12.68
N TYR C 110 -20.38 -31.24 -12.03
CA TYR C 110 -20.44 -31.88 -10.72
C TYR C 110 -21.32 -33.11 -10.76
N ASP C 111 -21.10 -34.00 -9.81
CA ASP C 111 -21.96 -35.14 -9.55
C ASP C 111 -22.09 -35.30 -8.05
N GLU C 112 -23.15 -36.00 -7.64
CA GLU C 112 -23.36 -36.24 -6.22
C GLU C 112 -22.10 -36.87 -5.63
N PRO C 113 -21.67 -36.46 -4.42
CA PRO C 113 -22.38 -35.70 -3.39
C PRO C 113 -22.26 -34.17 -3.42
N MET C 114 -22.13 -33.56 -4.59
CA MET C 114 -21.87 -32.13 -4.66
C MET C 114 -23.16 -31.37 -4.93
N THR C 115 -23.37 -30.30 -4.16
CA THR C 115 -24.54 -29.45 -4.36
C THR C 115 -24.34 -28.55 -5.57
N PRO C 116 -25.44 -28.11 -6.21
CA PRO C 116 -25.30 -27.17 -7.32
C PRO C 116 -24.81 -25.80 -6.89
N GLY C 117 -25.09 -25.39 -5.64
CA GLY C 117 -24.61 -24.10 -5.18
C GLY C 117 -23.11 -24.03 -5.05
N GLN C 118 -22.47 -25.15 -4.69
CA GLN C 118 -21.02 -25.16 -4.56
C GLN C 118 -20.33 -25.14 -5.91
N CYS C 119 -20.87 -25.88 -6.89
CA CYS C 119 -20.35 -25.79 -8.25
C CYS C 119 -20.56 -24.39 -8.82
N ASN C 120 -21.73 -23.81 -8.57
CA ASN C 120 -21.99 -22.42 -8.97
C ASN C 120 -20.96 -21.48 -8.38
N MET C 121 -20.70 -21.62 -7.06
CA MET C 121 -19.83 -20.68 -6.36
C MET C 121 -18.43 -20.66 -6.96
N ILE C 122 -17.80 -21.83 -7.07
CA ILE C 122 -16.41 -21.88 -7.52
C ILE C 122 -16.28 -21.41 -8.97
N VAL C 123 -17.14 -21.91 -9.86
CA VAL C 123 -17.01 -21.60 -11.27
C VAL C 123 -17.25 -20.12 -11.52
N GLU C 124 -18.29 -19.56 -10.91
CA GLU C 124 -18.65 -18.17 -11.16
C GLU C 124 -17.63 -17.20 -10.57
N ARG C 125 -16.97 -17.59 -9.46
CA ARG C 125 -15.98 -16.70 -8.87
C ARG C 125 -14.79 -16.50 -9.80
N LEU C 126 -14.21 -17.61 -10.28
CA LEU C 126 -13.14 -17.50 -11.27
C LEU C 126 -13.60 -16.78 -12.52
N GLY C 127 -14.88 -16.91 -12.87
CA GLY C 127 -15.43 -16.13 -13.96
C GLY C 127 -15.34 -14.64 -13.68
N ASP C 128 -15.91 -14.21 -12.56
CA ASP C 128 -15.88 -12.79 -12.21
C ASP C 128 -14.45 -12.30 -12.02
N TYR C 129 -13.59 -13.13 -11.44
CA TYR C 129 -12.19 -12.75 -11.24
C TYR C 129 -11.50 -12.43 -12.55
N LEU C 130 -11.75 -13.25 -13.59
CA LEU C 130 -11.10 -13.03 -14.87
C LEU C 130 -11.78 -11.94 -15.70
N ILE C 131 -13.09 -11.73 -15.50
CA ILE C 131 -13.76 -10.61 -16.15
C ILE C 131 -13.16 -9.30 -15.69
N ASP C 132 -12.71 -9.24 -14.43
CA ASP C 132 -12.20 -8.00 -13.85
C ASP C 132 -10.78 -7.67 -14.28
N GLN C 133 -10.09 -8.58 -14.98
CA GLN C 133 -8.83 -8.25 -15.63
C GLN C 133 -9.01 -7.98 -17.12
N GLY C 134 -10.19 -8.17 -17.67
CA GLY C 134 -10.43 -8.11 -19.10
C GLY C 134 -10.44 -9.44 -19.79
N TYR C 135 -10.10 -10.52 -19.09
CA TYR C 135 -10.04 -11.86 -19.67
C TYR C 135 -11.44 -12.47 -19.82
#